data_7NFR
#
_entry.id   7NFR
#
_cell.length_a   55.596
_cell.length_b   65.462
_cell.length_c   59.990
_cell.angle_alpha   90.000
_cell.angle_beta   108.216
_cell.angle_gamma   90.000
#
_symmetry.space_group_name_H-M   'P 1 21 1'
#
loop_
_entity.id
_entity.type
_entity.pdbx_description
1 polymer 'Polymerase basic protein 2'
2 polymer NB8194
3 non-polymer GLYCEROL
4 non-polymer 'SULFATE ION'
5 water water
#
loop_
_entity_poly.entity_id
_entity_poly.type
_entity_poly.pdbx_seq_one_letter_code
_entity_poly.pdbx_strand_id
1 'polypeptide(L)'
;HHHHHHGENLYFQGGGEVRNDDVDQSLIIAARNIVRRATVSTDPLASLLEMCHSTQIGGIRMVDILRQNPTEEQAVDICK
AAMGLRISSSFSFGGFTFKRTSGSSVKKEEEVLTGNLQTLKIRVHEGYEEFTMVGRRATAILRKATRRLIQLIVSGRDEQ
SIAEAIIVAMVFSQEDCMIKAVRGDLNFVNRANQRLNPMHQLLRHFQKDAKVLFQNWGIEPIDNVMGMIGILPDMTPSTE
MSLRGVRVSKMGVDEYSSTERVVVSIDRFLRVRDQRGNVLLSPEEVSETQGTERLTITYSSSMM
;
A
2 'polypeptide(L)'
;QVQLQESGGGLVQPGGSLRLSCAASGFTFSNYYMSWVRQAPGEGREWVSSINRDGSNTYYADSVKGRFTIARDNVKNTLY
LLMDSLKSDDTAVYYCTKGSNWPYDNWGQGTQVTVSSHHHHHHEPEA
;
B
#
loop_
_chem_comp.id
_chem_comp.type
_chem_comp.name
_chem_comp.formula
GOL non-polymer GLYCEROL 'C3 H8 O3'
SO4 non-polymer 'SULFATE ION' 'O4 S -2'
#
# COMPACT_ATOMS: atom_id res chain seq x y z
N ASN A 20 -16.31 17.78 2.89
CA ASN A 20 -16.04 17.30 1.54
C ASN A 20 -15.16 16.05 1.57
N ASP A 21 -14.17 16.03 2.47
CA ASP A 21 -13.35 14.83 2.61
C ASP A 21 -14.18 13.65 3.07
N ASP A 22 -15.26 13.90 3.80
CA ASP A 22 -16.20 12.81 4.10
C ASP A 22 -16.85 12.28 2.83
N VAL A 23 -17.04 13.14 1.83
CA VAL A 23 -17.65 12.71 0.57
C VAL A 23 -16.69 11.80 -0.18
N ASP A 24 -15.43 12.20 -0.31
CA ASP A 24 -14.44 11.35 -0.95
C ASP A 24 -14.38 9.99 -0.28
N GLN A 25 -14.33 9.98 1.06
CA GLN A 25 -14.19 8.72 1.80
C GLN A 25 -15.38 7.80 1.52
N SER A 26 -16.60 8.35 1.54
CA SER A 26 -17.78 7.53 1.31
C SER A 26 -17.93 7.18 -0.17
N LEU A 27 -17.46 8.05 -1.07
CA LEU A 27 -17.48 7.72 -2.49
C LEU A 27 -16.62 6.50 -2.77
N ILE A 28 -15.47 6.39 -2.11
CA ILE A 28 -14.57 5.27 -2.34
C ILE A 28 -15.21 3.97 -1.86
N ILE A 29 -15.78 4.00 -0.65
CA ILE A 29 -16.43 2.81 -0.10
C ILE A 29 -17.57 2.37 -1.00
N ALA A 30 -18.35 3.34 -1.49
CA ALA A 30 -19.48 3.01 -2.36
C ALA A 30 -19.01 2.40 -3.67
N ALA A 31 -18.02 3.01 -4.30
CA ALA A 31 -17.52 2.50 -5.59
C ALA A 31 -16.95 1.10 -5.43
N ARG A 32 -16.23 0.85 -4.32
CA ARG A 32 -15.64 -0.46 -4.10
C ARG A 32 -16.72 -1.53 -3.95
N ASN A 33 -17.76 -1.23 -3.18
CA ASN A 33 -18.85 -2.19 -3.00
C ASN A 33 -19.58 -2.43 -4.32
N ILE A 34 -19.77 -1.37 -5.12
CA ILE A 34 -20.50 -1.51 -6.38
C ILE A 34 -19.68 -2.31 -7.39
N VAL A 35 -18.37 -2.08 -7.44
CA VAL A 35 -17.54 -2.78 -8.40
C VAL A 35 -17.47 -4.27 -8.06
N ARG A 36 -17.32 -4.60 -6.78
CA ARG A 36 -17.27 -6.01 -6.38
C ARG A 36 -18.56 -6.73 -6.74
N ARG A 37 -19.71 -6.10 -6.48
CA ARG A 37 -20.99 -6.73 -6.76
C ARG A 37 -21.18 -6.92 -8.27
N ALA A 38 -20.77 -5.94 -9.07
CA ALA A 38 -20.92 -6.04 -10.51
C ALA A 38 -20.08 -7.15 -11.10
N THR A 39 -18.92 -7.45 -10.48
CA THR A 39 -18.00 -8.42 -11.07
C THR A 39 -18.63 -9.79 -11.21
N VAL A 40 -19.57 -10.14 -10.32
CA VAL A 40 -20.19 -11.46 -10.34
C VAL A 40 -21.52 -11.46 -11.07
N SER A 41 -21.84 -10.40 -11.79
CA SER A 41 -23.09 -10.32 -12.55
C SER A 41 -22.92 -10.89 -13.94
N THR A 42 -24.05 -11.22 -14.57
CA THR A 42 -24.01 -11.70 -15.95
C THR A 42 -23.62 -10.60 -16.92
N ASP A 43 -23.82 -9.33 -16.55
CA ASP A 43 -23.43 -8.18 -17.35
C ASP A 43 -22.79 -7.16 -16.41
N PRO A 44 -21.55 -7.43 -15.98
CA PRO A 44 -20.92 -6.53 -15.00
C PRO A 44 -20.96 -5.06 -15.38
N LEU A 45 -20.84 -4.75 -16.67
CA LEU A 45 -20.82 -3.34 -17.09
C LEU A 45 -22.21 -2.72 -16.97
N ALA A 46 -23.23 -3.41 -17.48
CA ALA A 46 -24.60 -2.89 -17.36
C ALA A 46 -25.02 -2.81 -15.89
N SER A 47 -24.59 -3.78 -15.08
CA SER A 47 -24.96 -3.78 -13.67
C SER A 47 -24.18 -2.72 -12.89
N LEU A 48 -22.92 -2.46 -13.27
CA LEU A 48 -22.16 -1.39 -12.65
C LEU A 48 -22.84 -0.05 -12.84
N LEU A 49 -23.31 0.23 -14.05
CA LEU A 49 -23.91 1.54 -14.34
C LEU A 49 -25.22 1.71 -13.60
N GLU A 50 -26.11 0.71 -13.65
CA GLU A 50 -27.40 0.86 -12.98
C GLU A 50 -27.24 1.04 -11.48
N MET A 51 -26.17 0.47 -10.89
CA MET A 51 -25.94 0.64 -9.46
C MET A 51 -25.45 2.04 -9.16
N CYS A 52 -24.51 2.56 -9.96
CA CYS A 52 -24.06 3.94 -9.76
C CYS A 52 -25.24 4.91 -9.84
N HIS A 53 -26.10 4.75 -10.85
CA HIS A 53 -27.25 5.63 -11.00
C HIS A 53 -28.31 5.41 -9.94
N SER A 54 -28.21 4.34 -9.15
CA SER A 54 -29.21 4.04 -8.13
C SER A 54 -28.72 4.28 -6.72
N THR A 55 -27.50 4.81 -6.54
CA THR A 55 -26.91 4.96 -5.22
C THR A 55 -26.78 6.43 -4.86
N GLN A 56 -27.09 6.75 -3.61
CA GLN A 56 -26.95 8.08 -3.06
C GLN A 56 -25.93 8.06 -1.92
N ILE A 57 -25.17 9.14 -1.80
CA ILE A 57 -24.15 9.30 -0.76
C ILE A 57 -24.47 10.57 -0.01
N GLY A 58 -24.87 10.43 1.25
CA GLY A 58 -25.29 11.60 2.03
C GLY A 58 -26.41 12.36 1.37
N GLY A 59 -27.35 11.66 0.73
CA GLY A 59 -28.41 12.28 -0.01
C GLY A 59 -28.01 12.79 -1.39
N ILE A 60 -26.76 12.56 -1.79
CA ILE A 60 -26.22 13.06 -3.04
C ILE A 60 -26.20 11.90 -4.04
N ARG A 61 -26.71 12.15 -5.24
CA ARG A 61 -26.63 11.13 -6.29
C ARG A 61 -25.18 10.78 -6.55
N MET A 62 -24.89 9.48 -6.60
CA MET A 62 -23.51 9.05 -6.83
C MET A 62 -23.00 9.52 -8.19
N VAL A 63 -23.86 9.50 -9.20
CA VAL A 63 -23.42 9.90 -10.54
C VAL A 63 -23.05 11.39 -10.55
N ASP A 64 -23.78 12.21 -9.79
CA ASP A 64 -23.46 13.62 -9.74
C ASP A 64 -22.11 13.86 -9.09
N ILE A 65 -21.76 13.06 -8.08
CA ILE A 65 -20.43 13.16 -7.48
C ILE A 65 -19.38 12.66 -8.45
N LEU A 66 -19.64 11.51 -9.10
CA LEU A 66 -18.67 10.94 -10.02
C LEU A 66 -18.34 11.90 -11.16
N ARG A 67 -19.26 12.78 -11.52
CA ARG A 67 -19.05 13.70 -12.64
C ARG A 67 -18.19 14.89 -12.27
N GLN A 68 -17.94 15.14 -10.98
CA GLN A 68 -17.21 16.33 -10.55
C GLN A 68 -16.17 16.08 -9.47
N ASN A 69 -16.23 14.98 -8.73
CA ASN A 69 -15.25 14.71 -7.67
C ASN A 69 -13.94 14.25 -8.27
N PRO A 70 -12.80 14.82 -7.87
CA PRO A 70 -11.52 14.45 -8.50
C PRO A 70 -10.73 13.42 -7.71
N THR A 71 -11.39 12.64 -6.86
CA THR A 71 -10.69 11.62 -6.09
C THR A 71 -10.22 10.50 -7.01
N GLU A 72 -8.95 10.15 -6.93
CA GLU A 72 -8.35 9.11 -7.76
C GLU A 72 -8.23 7.84 -6.93
N GLU A 73 -9.01 6.82 -7.31
CA GLU A 73 -9.01 5.53 -6.63
C GLU A 73 -9.53 4.51 -7.62
N GLN A 74 -9.02 3.28 -7.50
CA GLN A 74 -9.25 2.29 -8.55
C GLN A 74 -10.73 2.06 -8.80
N ALA A 75 -11.49 1.78 -7.74
CA ALA A 75 -12.91 1.52 -7.92
C ALA A 75 -13.63 2.74 -8.49
N VAL A 76 -13.30 3.93 -7.97
CA VAL A 76 -13.96 5.15 -8.44
C VAL A 76 -13.77 5.31 -9.94
N ASP A 77 -12.54 5.08 -10.43
CA ASP A 77 -12.26 5.32 -11.84
C ASP A 77 -12.84 4.24 -12.73
N ILE A 78 -13.00 3.02 -12.22
CA ILE A 78 -13.73 2.00 -12.96
C ILE A 78 -15.17 2.46 -13.19
N CYS A 79 -15.78 3.05 -12.16
CA CYS A 79 -17.12 3.61 -12.32
C CYS A 79 -17.13 4.73 -13.33
N LYS A 80 -16.16 5.63 -13.26
CA LYS A 80 -16.07 6.72 -14.23
C LYS A 80 -15.89 6.19 -15.65
N ALA A 81 -15.02 5.19 -15.82
CA ALA A 81 -14.85 4.58 -17.13
C ALA A 81 -16.16 4.01 -17.65
N ALA A 82 -16.91 3.33 -16.78
CA ALA A 82 -18.20 2.79 -17.19
C ALA A 82 -19.19 3.90 -17.56
N MET A 83 -19.09 5.04 -16.89
CA MET A 83 -19.90 6.21 -17.26
C MET A 83 -19.37 6.91 -18.49
N GLY A 84 -18.29 6.42 -19.10
CA GLY A 84 -17.75 7.03 -20.28
C GLY A 84 -17.00 8.31 -20.05
N LEU A 85 -16.45 8.49 -18.85
CA LEU A 85 -15.73 9.70 -18.48
C LEU A 85 -14.22 9.44 -18.46
N ARG A 86 -13.46 10.52 -18.54
CA ARG A 86 -12.01 10.40 -18.57
C ARG A 86 -11.47 10.06 -17.19
N ILE A 87 -10.36 9.32 -17.18
CA ILE A 87 -9.64 8.96 -15.96
C ILE A 87 -8.15 9.13 -16.19
N SER A 88 -7.38 9.02 -15.10
CA SER A 88 -5.94 9.18 -15.20
C SER A 88 -5.34 8.17 -16.16
N SER A 89 -4.31 8.59 -16.89
CA SER A 89 -3.63 7.73 -17.84
C SER A 89 -2.72 6.70 -17.16
N SER A 90 -2.44 6.87 -15.87
CA SER A 90 -1.60 5.91 -15.16
C SER A 90 -2.34 4.59 -14.97
N PHE A 91 -1.58 3.50 -14.90
CA PHE A 91 -2.14 2.19 -14.64
C PHE A 91 -1.85 1.78 -13.20
N SER A 92 -2.69 0.88 -12.69
CA SER A 92 -2.54 0.34 -11.35
C SER A 92 -2.04 -1.10 -11.43
N PHE A 93 -1.09 -1.43 -10.57
CA PHE A 93 -0.59 -2.80 -10.46
C PHE A 93 -0.18 -3.04 -9.01
N GLY A 94 -0.75 -4.07 -8.40
CA GLY A 94 -0.50 -4.32 -6.99
C GLY A 94 -0.98 -3.23 -6.08
N GLY A 95 -1.95 -2.43 -6.51
CA GLY A 95 -2.44 -1.32 -5.73
C GLY A 95 -1.63 -0.05 -5.86
N PHE A 96 -0.51 -0.09 -6.57
CA PHE A 96 0.33 1.08 -6.76
C PHE A 96 -0.02 1.75 -8.08
N THR A 97 -0.13 3.07 -8.06
CA THR A 97 -0.31 3.84 -9.28
C THR A 97 1.04 4.01 -9.96
N PHE A 98 1.15 3.57 -11.20
CA PHE A 98 2.40 3.63 -11.97
C PHE A 98 2.31 4.81 -12.93
N LYS A 99 3.20 5.77 -12.76
CA LYS A 99 3.29 6.95 -13.61
C LYS A 99 4.64 6.93 -14.32
N ARG A 100 4.62 6.75 -15.64
CA ARG A 100 5.84 6.69 -16.42
C ARG A 100 6.41 8.09 -16.59
N THR A 101 7.65 8.29 -16.14
CA THR A 101 8.30 9.59 -16.22
C THR A 101 9.35 9.67 -17.32
N SER A 102 9.84 8.55 -17.81
CA SER A 102 10.80 8.55 -18.91
C SER A 102 10.79 7.19 -19.58
N GLY A 103 11.23 7.15 -20.82
CA GLY A 103 11.41 5.92 -21.54
C GLY A 103 10.18 5.49 -22.31
N SER A 104 10.31 4.31 -22.91
CA SER A 104 9.26 3.75 -23.76
C SER A 104 9.44 2.23 -23.81
N SER A 105 8.37 1.56 -24.22
CA SER A 105 8.34 0.10 -24.26
C SER A 105 7.39 -0.35 -25.35
N VAL A 106 7.69 -1.51 -25.93
CA VAL A 106 6.77 -2.20 -26.85
C VAL A 106 6.53 -3.59 -26.29
N LYS A 107 5.28 -4.02 -26.27
CA LYS A 107 4.93 -5.28 -25.64
C LYS A 107 5.17 -6.44 -26.61
N LYS A 108 5.78 -7.50 -26.08
CA LYS A 108 6.22 -8.65 -26.87
C LYS A 108 5.79 -9.92 -26.17
N GLU A 109 5.00 -10.74 -26.85
CA GLU A 109 4.51 -11.98 -26.24
C GLU A 109 5.65 -12.98 -26.11
N GLU A 110 5.83 -13.51 -24.90
CA GLU A 110 6.87 -14.47 -24.60
C GLU A 110 6.28 -15.58 -23.74
N GLU A 111 6.67 -16.81 -24.02
CA GLU A 111 6.31 -17.95 -23.19
C GLU A 111 7.42 -18.17 -22.17
N VAL A 112 7.09 -18.06 -20.88
CA VAL A 112 8.06 -18.22 -19.81
C VAL A 112 7.70 -19.46 -19.02
N LEU A 113 8.73 -20.04 -18.37
CA LEU A 113 8.61 -21.24 -17.57
C LEU A 113 8.77 -20.87 -16.09
N THR A 114 7.75 -21.16 -15.29
CA THR A 114 7.83 -20.85 -13.87
C THR A 114 8.72 -21.86 -13.16
N GLY A 115 9.14 -21.48 -11.94
CA GLY A 115 9.95 -22.37 -11.13
C GLY A 115 9.26 -23.66 -10.77
N ASN A 116 7.94 -23.74 -10.93
CA ASN A 116 7.19 -24.96 -10.73
C ASN A 116 6.79 -25.64 -12.04
N LEU A 117 7.48 -25.29 -13.13
CA LEU A 117 7.35 -26.00 -14.40
C LEU A 117 5.95 -25.87 -15.00
N GLN A 118 5.47 -24.62 -15.06
CA GLN A 118 4.30 -24.29 -15.85
C GLN A 118 4.65 -23.15 -16.79
N THR A 119 3.92 -23.08 -17.90
CA THR A 119 4.13 -22.08 -18.94
C THR A 119 3.20 -20.90 -18.74
N LEU A 120 3.69 -19.71 -19.02
CA LEU A 120 2.89 -18.48 -18.94
C LEU A 120 3.21 -17.63 -20.15
N LYS A 121 2.17 -17.15 -20.83
CA LYS A 121 2.31 -16.24 -21.96
C LYS A 121 2.14 -14.82 -21.42
N ILE A 122 3.23 -14.11 -21.23
CA ILE A 122 3.21 -12.76 -20.69
C ILE A 122 3.55 -11.77 -21.80
N ARG A 123 3.04 -10.54 -21.63
CA ARG A 123 3.36 -9.43 -22.53
C ARG A 123 4.57 -8.70 -21.95
N VAL A 124 5.75 -8.98 -22.52
CA VAL A 124 6.98 -8.40 -22.01
C VAL A 124 7.07 -6.95 -22.44
N HIS A 125 7.28 -6.06 -21.47
CA HIS A 125 7.58 -4.66 -21.76
C HIS A 125 9.04 -4.58 -22.21
N GLU A 126 9.25 -4.43 -23.51
CA GLU A 126 10.59 -4.37 -24.09
C GLU A 126 10.98 -2.92 -24.30
N GLY A 127 11.86 -2.41 -23.46
CA GLY A 127 12.31 -1.05 -23.54
C GLY A 127 12.77 -0.56 -22.17
N TYR A 128 13.55 0.52 -22.18
CA TYR A 128 13.97 1.16 -20.95
C TYR A 128 12.89 2.13 -20.49
N GLU A 129 12.56 2.08 -19.21
CA GLU A 129 11.46 2.88 -18.68
C GLU A 129 11.75 3.27 -17.25
N GLU A 130 11.28 4.46 -16.87
CA GLU A 130 11.36 4.96 -15.51
C GLU A 130 9.95 5.29 -15.03
N PHE A 131 9.60 4.83 -13.83
CA PHE A 131 8.28 5.06 -13.27
C PHE A 131 8.40 5.60 -11.86
N THR A 132 7.38 6.34 -11.42
CA THR A 132 7.09 6.54 -10.01
C THR A 132 5.92 5.65 -9.63
N MET A 133 6.06 4.93 -8.52
CA MET A 133 4.98 4.10 -7.99
C MET A 133 4.43 4.80 -6.75
N VAL A 134 3.14 5.12 -6.77
CA VAL A 134 2.49 5.82 -5.66
C VAL A 134 1.47 4.86 -5.06
N GLY A 135 1.82 4.30 -3.89
CA GLY A 135 0.88 3.52 -3.12
C GLY A 135 0.29 4.33 -1.96
N ARG A 136 -0.76 3.78 -1.37
CA ARG A 136 -1.39 4.44 -0.24
C ARG A 136 -0.44 4.53 0.96
N ARG A 137 0.47 3.55 1.10
CA ARG A 137 1.38 3.52 2.23
C ARG A 137 2.84 3.38 1.81
N ALA A 138 3.15 3.60 0.54
CA ALA A 138 4.54 3.54 0.09
C ALA A 138 4.66 4.26 -1.25
N THR A 139 5.87 4.76 -1.51
CA THR A 139 6.20 5.49 -2.72
C THR A 139 7.56 5.04 -3.19
N ALA A 140 7.75 4.95 -4.51
CA ALA A 140 9.03 4.45 -5.02
C ALA A 140 9.32 5.02 -6.40
N ILE A 141 10.60 5.04 -6.73
CA ILE A 141 11.11 5.35 -8.07
C ILE A 141 11.62 4.04 -8.66
N LEU A 142 11.21 3.74 -9.88
CA LEU A 142 11.58 2.47 -10.53
C LEU A 142 12.18 2.75 -11.90
N ARG A 143 13.35 2.19 -12.16
CA ARG A 143 13.98 2.19 -13.47
C ARG A 143 14.19 0.75 -13.89
N LYS A 144 13.79 0.42 -15.12
CA LYS A 144 13.86 -0.96 -15.58
C LYS A 144 14.18 -1.02 -17.07
N ALA A 145 14.78 -2.13 -17.47
CA ALA A 145 14.99 -2.49 -18.87
C ALA A 145 14.14 -3.73 -19.15
N THR A 146 14.44 -4.41 -20.26
CA THR A 146 13.63 -5.56 -20.65
C THR A 146 13.91 -6.73 -19.72
N ARG A 147 12.92 -7.11 -18.92
CA ARG A 147 13.04 -8.22 -17.99
C ARG A 147 14.24 -8.05 -17.06
N ARG A 148 14.43 -6.82 -16.59
CA ARG A 148 15.51 -6.54 -15.64
C ARG A 148 15.18 -5.28 -14.86
N LEU A 149 15.20 -5.39 -13.54
CA LEU A 149 15.08 -4.23 -12.68
C LEU A 149 16.45 -3.57 -12.52
N ILE A 150 16.52 -2.28 -12.79
CA ILE A 150 17.78 -1.54 -12.68
C ILE A 150 17.89 -0.83 -11.33
N GLN A 151 16.84 -0.14 -10.91
CA GLN A 151 16.89 0.61 -9.66
C GLN A 151 15.49 0.71 -9.06
N LEU A 152 15.39 0.46 -7.76
CA LEU A 152 14.17 0.68 -7.00
C LEU A 152 14.55 1.43 -5.74
N ILE A 153 14.07 2.67 -5.60
CA ILE A 153 14.22 3.47 -4.39
C ILE A 153 12.84 3.57 -3.78
N VAL A 154 12.67 3.01 -2.58
CA VAL A 154 11.37 2.89 -1.95
C VAL A 154 11.40 3.57 -0.59
N SER A 155 10.27 4.17 -0.22
CA SER A 155 10.08 4.74 1.11
C SER A 155 8.71 4.32 1.63
N GLY A 156 8.58 4.33 2.95
CA GLY A 156 7.35 3.91 3.60
C GLY A 156 7.55 3.96 5.10
N ARG A 157 6.47 3.67 5.81
CA ARG A 157 6.47 3.86 7.27
C ARG A 157 6.48 2.56 8.06
N ASP A 158 6.41 1.40 7.39
CA ASP A 158 6.58 0.13 8.08
C ASP A 158 7.11 -0.90 7.10
N GLU A 159 7.55 -2.03 7.66
CA GLU A 159 8.19 -3.06 6.84
C GLU A 159 7.23 -3.61 5.78
N GLN A 160 6.05 -4.05 6.20
CA GLN A 160 5.08 -4.64 5.28
C GLN A 160 4.75 -3.69 4.14
N SER A 161 4.76 -2.38 4.39
CA SER A 161 4.46 -1.43 3.33
C SER A 161 5.60 -1.37 2.32
N ILE A 162 6.83 -1.48 2.79
CA ILE A 162 7.97 -1.46 1.88
C ILE A 162 8.11 -2.80 1.17
N ALA A 163 7.82 -3.89 1.87
CA ALA A 163 7.85 -5.20 1.22
C ALA A 163 6.86 -5.25 0.07
N GLU A 164 5.66 -4.71 0.27
CA GLU A 164 4.65 -4.69 -0.79
C GLU A 164 5.20 -4.02 -2.04
N ALA A 165 5.82 -2.85 -1.88
CA ALA A 165 6.34 -2.13 -3.04
C ALA A 165 7.43 -2.93 -3.73
N ILE A 166 8.33 -3.52 -2.95
CA ILE A 166 9.43 -4.29 -3.54
C ILE A 166 8.88 -5.47 -4.34
N ILE A 167 7.91 -6.19 -3.76
CA ILE A 167 7.36 -7.34 -4.44
C ILE A 167 6.74 -6.92 -5.77
N VAL A 168 5.92 -5.87 -5.76
CA VAL A 168 5.25 -5.43 -6.98
C VAL A 168 6.27 -5.06 -8.05
N ALA A 169 7.35 -4.39 -7.65
CA ALA A 169 8.38 -3.99 -8.61
C ALA A 169 9.10 -5.20 -9.19
N MET A 170 9.44 -6.18 -8.33
CA MET A 170 10.11 -7.38 -8.82
C MET A 170 9.23 -8.12 -9.81
N VAL A 171 7.95 -8.33 -9.47
CA VAL A 171 7.03 -8.98 -10.38
C VAL A 171 6.90 -8.16 -11.66
N PHE A 172 6.73 -6.84 -11.52
CA PHE A 172 6.51 -6.00 -12.68
C PHE A 172 7.73 -5.97 -13.60
N SER A 173 8.93 -6.12 -13.05
CA SER A 173 10.13 -6.15 -13.88
C SER A 173 10.14 -7.34 -14.83
N GLN A 174 9.42 -8.41 -14.50
CA GLN A 174 9.35 -9.61 -15.32
C GLN A 174 10.69 -10.34 -15.39
N GLU A 175 11.53 -10.16 -14.37
CA GLU A 175 12.84 -10.83 -14.37
C GLU A 175 12.67 -12.34 -14.34
N ASP A 176 13.60 -13.03 -15.00
CA ASP A 176 13.56 -14.49 -15.02
C ASP A 176 13.71 -15.07 -13.62
N CYS A 177 14.56 -14.45 -12.79
N CYS A 177 14.57 -14.45 -12.80
CA CYS A 177 14.75 -14.97 -11.43
CA CYS A 177 14.75 -14.92 -11.43
C CYS A 177 13.48 -14.83 -10.59
C CYS A 177 13.44 -14.91 -10.66
N MET A 178 12.54 -13.97 -10.99
CA MET A 178 11.26 -13.89 -10.32
C MET A 178 10.31 -14.96 -10.84
N ILE A 179 10.35 -15.23 -12.15
CA ILE A 179 9.55 -16.31 -12.71
C ILE A 179 9.97 -17.65 -12.12
N LYS A 180 11.28 -17.87 -11.99
CA LYS A 180 11.81 -19.13 -11.50
C LYS A 180 11.73 -19.28 -9.98
N ALA A 181 11.32 -18.24 -9.27
CA ALA A 181 11.11 -18.33 -7.82
C ALA A 181 9.72 -18.82 -7.45
N VAL A 182 8.83 -19.02 -8.44
CA VAL A 182 7.52 -19.58 -8.15
C VAL A 182 7.69 -21.00 -7.63
N ARG A 183 6.85 -21.38 -6.66
CA ARG A 183 6.95 -22.69 -6.04
C ARG A 183 5.62 -23.44 -5.98
N GLY A 184 4.60 -22.97 -6.69
CA GLY A 184 3.37 -23.71 -6.78
C GLY A 184 2.69 -23.44 -8.11
N ASP A 185 1.67 -24.23 -8.40
CA ASP A 185 0.83 -23.95 -9.55
C ASP A 185 0.02 -22.69 -9.29
N LEU A 186 -0.19 -21.91 -10.35
CA LEU A 186 -0.87 -20.61 -10.26
C LEU A 186 -2.31 -20.80 -10.72
N ASN A 187 -3.24 -20.79 -9.78
CA ASN A 187 -4.66 -20.98 -10.04
C ASN A 187 -5.49 -19.81 -9.49
N PHE A 188 -4.90 -18.63 -9.39
CA PHE A 188 -5.60 -17.51 -8.80
C PHE A 188 -6.74 -17.03 -9.70
N VAL A 189 -7.89 -16.76 -9.10
CA VAL A 189 -9.10 -16.43 -9.83
C VAL A 189 -9.71 -15.16 -9.25
N ASN A 190 -10.54 -14.50 -10.06
CA ASN A 190 -11.31 -13.35 -9.60
C ASN A 190 -12.54 -13.84 -8.84
N ARG A 191 -13.38 -12.91 -8.40
CA ARG A 191 -14.58 -13.31 -7.68
C ARG A 191 -15.60 -13.99 -8.58
N ALA A 192 -15.46 -13.85 -9.90
CA ALA A 192 -16.24 -14.64 -10.84
C ALA A 192 -15.62 -16.01 -11.12
N ASN A 193 -14.68 -16.45 -10.25
CA ASN A 193 -14.06 -17.77 -10.33
C ASN A 193 -13.25 -17.90 -11.61
N GLN A 194 -12.38 -16.94 -11.83
CA GLN A 194 -11.67 -16.96 -13.09
C GLN A 194 -10.27 -16.42 -13.10
N ARG A 195 -9.42 -17.16 -13.80
CA ARG A 195 -7.99 -16.96 -13.72
C ARG A 195 -7.64 -15.51 -14.04
N LEU A 196 -6.89 -14.91 -13.12
CA LEU A 196 -6.28 -13.61 -13.40
C LEU A 196 -5.27 -13.77 -14.52
N ASN A 197 -4.96 -12.65 -15.18
CA ASN A 197 -3.98 -12.68 -16.24
C ASN A 197 -2.60 -13.02 -15.67
N PRO A 198 -1.65 -13.40 -16.52
CA PRO A 198 -0.40 -13.95 -16.00
C PRO A 198 0.35 -13.03 -15.05
N MET A 199 0.40 -11.73 -15.32
CA MET A 199 1.10 -10.82 -14.41
C MET A 199 0.51 -10.91 -13.01
N HIS A 200 -0.83 -10.97 -12.90
CA HIS A 200 -1.46 -11.02 -11.59
C HIS A 200 -1.33 -12.41 -10.95
N GLN A 201 -1.18 -13.46 -11.77
CA GLN A 201 -0.87 -14.77 -11.22
C GLN A 201 0.44 -14.71 -10.44
N LEU A 202 1.46 -14.11 -11.03
CA LEU A 202 2.75 -13.99 -10.36
C LEU A 202 2.65 -13.08 -9.13
N LEU A 203 1.92 -11.98 -9.25
CA LEU A 203 1.82 -11.05 -8.14
C LEU A 203 1.18 -11.71 -6.93
N ARG A 204 0.03 -12.37 -7.13
CA ARG A 204 -0.67 -12.98 -6.01
C ARG A 204 0.19 -14.06 -5.35
N HIS A 205 0.95 -14.81 -6.15
CA HIS A 205 1.78 -15.86 -5.58
C HIS A 205 2.76 -15.28 -4.58
N PHE A 206 3.50 -14.25 -4.97
CA PHE A 206 4.51 -13.67 -4.11
C PHE A 206 3.92 -12.76 -3.03
N GLN A 207 2.72 -12.23 -3.24
CA GLN A 207 2.02 -11.57 -2.14
C GLN A 207 1.69 -12.54 -1.02
N LYS A 208 1.45 -13.81 -1.37
CA LYS A 208 1.21 -14.82 -0.36
C LYS A 208 2.49 -15.17 0.39
N ASP A 209 3.62 -15.21 -0.31
CA ASP A 209 4.90 -15.50 0.31
C ASP A 209 6.02 -15.11 -0.64
N ALA A 210 6.88 -14.19 -0.21
CA ALA A 210 7.95 -13.67 -1.06
C ALA A 210 9.33 -14.11 -0.61
N LYS A 211 9.42 -15.11 0.27
CA LYS A 211 10.71 -15.53 0.80
C LYS A 211 11.60 -16.10 -0.30
N VAL A 212 11.05 -16.95 -1.16
CA VAL A 212 11.87 -17.53 -2.22
C VAL A 212 12.26 -16.47 -3.24
N LEU A 213 11.34 -15.56 -3.55
CA LEU A 213 11.68 -14.45 -4.44
C LEU A 213 12.87 -13.65 -3.90
N PHE A 214 12.76 -13.20 -2.65
CA PHE A 214 13.84 -12.40 -2.06
C PHE A 214 15.14 -13.19 -1.99
N GLN A 215 15.07 -14.46 -1.59
CA GLN A 215 16.28 -15.24 -1.37
C GLN A 215 17.02 -15.55 -2.67
N ASN A 216 16.33 -15.54 -3.81
CA ASN A 216 16.96 -15.81 -5.09
C ASN A 216 17.20 -14.57 -5.93
N TRP A 217 16.75 -13.40 -5.48
CA TRP A 217 16.91 -12.19 -6.27
C TRP A 217 18.36 -11.77 -6.37
N GLY A 218 19.10 -11.89 -5.27
CA GLY A 218 20.51 -11.53 -5.25
C GLY A 218 20.76 -10.25 -4.46
N ILE A 219 21.97 -10.14 -3.91
CA ILE A 219 22.40 -8.98 -3.15
C ILE A 219 23.63 -8.39 -3.83
N GLU A 220 24.02 -7.19 -3.38
CA GLU A 220 25.14 -6.48 -3.97
C GLU A 220 25.70 -5.52 -2.96
N PRO A 221 27.02 -5.26 -2.99
CA PRO A 221 27.57 -4.20 -2.13
C PRO A 221 27.03 -2.84 -2.56
N ILE A 222 26.77 -1.99 -1.57
CA ILE A 222 26.24 -0.66 -1.83
C ILE A 222 27.16 0.38 -1.20
N ASP A 223 27.09 1.59 -1.74
CA ASP A 223 27.86 2.72 -1.26
C ASP A 223 27.06 3.45 -0.19
N ASN A 224 27.67 3.66 0.98
CA ASN A 224 27.03 4.38 2.07
C ASN A 224 26.66 5.80 1.64
N VAL A 225 25.40 6.01 1.27
CA VAL A 225 24.92 7.30 0.79
C VAL A 225 23.94 7.87 1.80
N MET A 226 24.02 9.19 2.02
CA MET A 226 23.24 9.83 3.06
C MET A 226 21.74 9.62 2.85
N GLY A 227 21.05 9.31 3.94
CA GLY A 227 19.61 9.15 3.90
C GLY A 227 19.11 7.89 3.24
N MET A 228 20.01 6.99 2.84
CA MET A 228 19.63 5.73 2.22
C MET A 228 20.19 4.57 3.05
N ILE A 229 19.58 3.40 2.86
CA ILE A 229 20.00 2.20 3.56
C ILE A 229 19.64 0.99 2.72
N GLY A 230 20.46 -0.05 2.82
CA GLY A 230 20.16 -1.29 2.14
C GLY A 230 19.14 -2.12 2.88
N ILE A 231 18.55 -3.07 2.16
CA ILE A 231 17.58 -3.99 2.73
C ILE A 231 17.91 -5.40 2.25
N LEU A 232 18.06 -6.33 3.19
CA LEU A 232 18.47 -7.70 2.90
C LEU A 232 17.26 -8.57 2.61
N PRO A 233 17.49 -9.78 2.10
CA PRO A 233 16.36 -10.66 1.75
C PRO A 233 15.41 -10.93 2.91
N ASP A 234 15.90 -11.01 4.15
CA ASP A 234 15.03 -11.15 5.31
C ASP A 234 14.42 -9.82 5.76
N MET A 235 14.53 -8.78 4.93
CA MET A 235 13.99 -7.46 5.23
C MET A 235 14.64 -6.85 6.46
N THR A 236 15.87 -7.26 6.76
CA THR A 236 16.64 -6.54 7.77
C THR A 236 17.39 -5.39 7.09
N PRO A 237 17.46 -4.21 7.70
CA PRO A 237 18.31 -3.16 7.14
C PRO A 237 19.78 -3.53 7.25
N SER A 238 20.57 -3.02 6.30
CA SER A 238 22.01 -3.22 6.35
C SER A 238 22.70 -2.04 5.67
N THR A 239 23.88 -1.70 6.17
CA THR A 239 24.65 -0.58 5.68
C THR A 239 25.63 -0.96 4.58
N GLU A 240 25.86 -2.25 4.36
CA GLU A 240 26.91 -2.70 3.47
C GLU A 240 26.42 -3.45 2.24
N MET A 241 25.29 -4.17 2.33
CA MET A 241 24.74 -4.89 1.20
C MET A 241 23.26 -4.53 1.07
N SER A 242 22.63 -5.06 0.01
CA SER A 242 21.23 -4.81 -0.24
C SER A 242 20.76 -5.68 -1.40
N LEU A 243 19.48 -6.00 -1.41
CA LEU A 243 18.86 -6.62 -2.57
C LEU A 243 19.27 -5.86 -3.84
N ARG A 244 19.70 -6.61 -4.85
CA ARG A 244 20.24 -6.03 -6.06
C ARG A 244 19.30 -4.97 -6.63
N GLY A 245 19.83 -3.76 -6.79
CA GLY A 245 19.08 -2.66 -7.37
C GLY A 245 18.13 -1.95 -6.42
N VAL A 246 17.98 -2.43 -5.19
CA VAL A 246 16.98 -1.91 -4.27
C VAL A 246 17.67 -1.11 -3.16
N ARG A 247 17.11 0.05 -2.85
CA ARG A 247 17.52 0.83 -1.69
C ARG A 247 16.28 1.43 -1.04
N VAL A 248 16.34 1.60 0.28
CA VAL A 248 15.29 2.23 1.04
C VAL A 248 15.73 3.64 1.39
N SER A 249 14.88 4.63 1.08
CA SER A 249 15.15 6.03 1.38
C SER A 249 14.40 6.39 2.65
N LYS A 250 15.15 6.64 3.73
CA LYS A 250 14.54 7.10 4.98
C LYS A 250 14.07 8.54 4.87
N MET A 251 14.64 9.32 3.95
CA MET A 251 14.19 10.69 3.76
C MET A 251 12.78 10.74 3.20
N GLY A 252 12.40 9.75 2.40
CA GLY A 252 11.10 9.74 1.77
C GLY A 252 11.17 10.11 0.30
N VAL A 253 10.52 9.32 -0.54
CA VAL A 253 10.38 9.63 -1.96
C VAL A 253 9.11 10.45 -2.14
N ASP A 254 9.22 11.57 -2.84
CA ASP A 254 8.11 12.52 -2.98
C ASP A 254 7.68 12.56 -4.44
N GLU A 255 6.46 12.09 -4.71
CA GLU A 255 5.84 12.17 -6.02
C GLU A 255 6.20 13.47 -6.72
N SER A 258 0.12 16.08 -11.50
CA SER A 258 0.72 15.80 -12.79
C SER A 258 -0.01 14.63 -13.46
N THR A 259 -1.32 14.56 -13.26
CA THR A 259 -2.14 13.49 -13.80
C THR A 259 -2.83 13.97 -15.07
N GLU A 260 -2.73 13.19 -16.14
CA GLU A 260 -3.45 13.45 -17.39
C GLU A 260 -4.67 12.56 -17.45
N ARG A 261 -5.84 13.16 -17.67
CA ARG A 261 -7.10 12.44 -17.75
C ARG A 261 -7.40 12.12 -19.21
N VAL A 262 -7.53 10.84 -19.52
CA VAL A 262 -7.63 10.37 -20.90
C VAL A 262 -8.90 9.55 -21.07
N VAL A 263 -9.28 9.36 -22.32
CA VAL A 263 -10.44 8.53 -22.66
C VAL A 263 -10.02 7.07 -22.64
N VAL A 264 -10.88 6.22 -22.09
CA VAL A 264 -10.56 4.81 -21.91
C VAL A 264 -11.73 3.96 -22.40
N SER A 265 -11.43 2.70 -22.67
CA SER A 265 -12.41 1.67 -22.93
C SER A 265 -12.52 0.76 -21.70
N ILE A 266 -13.67 0.10 -21.57
CA ILE A 266 -13.91 -0.86 -20.49
C ILE A 266 -14.76 -1.98 -21.04
N ASP A 267 -14.40 -3.22 -20.71
CA ASP A 267 -15.04 -4.40 -21.27
C ASP A 267 -15.94 -5.07 -20.25
N ARG A 268 -16.52 -6.21 -20.65
CA ARG A 268 -17.50 -6.88 -19.83
C ARG A 268 -16.91 -7.44 -18.55
N PHE A 269 -15.59 -7.57 -18.45
CA PHE A 269 -14.94 -7.97 -17.21
C PHE A 269 -14.46 -6.77 -16.39
N LEU A 270 -14.89 -5.56 -16.75
CA LEU A 270 -14.51 -4.34 -16.06
C LEU A 270 -13.01 -4.06 -16.15
N ARG A 271 -12.35 -4.56 -17.19
CA ARG A 271 -10.96 -4.24 -17.45
C ARG A 271 -10.89 -2.99 -18.30
N VAL A 272 -10.21 -1.96 -17.78
CA VAL A 272 -10.15 -0.64 -18.40
C VAL A 272 -8.83 -0.53 -19.15
N ARG A 273 -8.89 -0.06 -20.38
CA ARG A 273 -7.72 0.06 -21.23
C ARG A 273 -7.65 1.45 -21.83
N ASP A 274 -6.42 1.93 -22.04
CA ASP A 274 -6.22 3.16 -22.80
C ASP A 274 -6.27 2.83 -24.30
N GLN A 275 -6.14 3.86 -25.12
CA GLN A 275 -6.36 3.69 -26.56
C GLN A 275 -5.23 2.96 -27.26
N ARG A 276 -4.22 2.47 -26.56
CA ARG A 276 -3.22 1.58 -27.12
C ARG A 276 -3.32 0.17 -26.52
N GLY A 277 -4.39 -0.14 -25.81
CA GLY A 277 -4.65 -1.48 -25.34
C GLY A 277 -4.03 -1.85 -24.01
N ASN A 278 -3.36 -0.91 -23.35
CA ASN A 278 -2.78 -1.19 -22.04
C ASN A 278 -3.87 -1.18 -20.97
N VAL A 279 -3.92 -2.25 -20.17
CA VAL A 279 -4.89 -2.34 -19.09
C VAL A 279 -4.46 -1.42 -17.96
N LEU A 280 -5.28 -0.41 -17.67
CA LEU A 280 -5.00 0.51 -16.59
C LEU A 280 -5.60 0.05 -15.27
N LEU A 281 -6.78 -0.55 -15.31
CA LEU A 281 -7.52 -0.89 -14.11
C LEU A 281 -8.31 -2.17 -14.33
N SER A 282 -8.62 -2.84 -13.22
CA SER A 282 -9.46 -4.02 -13.23
C SER A 282 -9.98 -4.23 -11.82
N PRO A 283 -10.99 -5.08 -11.65
CA PRO A 283 -11.48 -5.35 -10.28
C PRO A 283 -10.39 -5.88 -9.36
N GLU A 284 -9.43 -6.63 -9.90
CA GLU A 284 -8.36 -7.18 -9.07
C GLU A 284 -7.38 -6.12 -8.60
N GLU A 285 -7.47 -4.90 -9.14
CA GLU A 285 -6.67 -3.78 -8.67
C GLU A 285 -7.42 -2.89 -7.68
N VAL A 286 -8.65 -3.26 -7.32
CA VAL A 286 -9.42 -2.53 -6.32
C VAL A 286 -9.11 -3.13 -4.95
N SER A 287 -8.80 -2.26 -4.00
CA SER A 287 -8.46 -2.72 -2.66
C SER A 287 -9.57 -3.58 -2.07
N GLU A 288 -9.18 -4.64 -1.36
CA GLU A 288 -10.13 -5.41 -0.56
C GLU A 288 -10.47 -4.71 0.74
N THR A 289 -9.74 -3.66 1.09
CA THR A 289 -10.01 -2.91 2.31
C THR A 289 -11.40 -2.29 2.24
N GLN A 290 -12.03 -2.17 3.41
CA GLN A 290 -13.33 -1.50 3.49
C GLN A 290 -13.42 -0.81 4.84
N GLY A 291 -13.35 0.52 4.83
CA GLY A 291 -13.67 1.29 6.01
C GLY A 291 -15.17 1.35 6.21
N THR A 292 -15.57 2.20 7.14
CA THR A 292 -16.98 2.45 7.42
C THR A 292 -17.33 3.84 6.90
N GLU A 293 -18.28 3.91 5.96
CA GLU A 293 -18.68 5.18 5.40
C GLU A 293 -19.11 6.14 6.50
N ARG A 294 -18.61 7.37 6.42
CA ARG A 294 -18.98 8.40 7.39
C ARG A 294 -20.22 9.17 6.98
N LEU A 295 -20.62 9.09 5.73
CA LEU A 295 -21.93 9.54 5.28
C LEU A 295 -22.74 8.34 4.80
N THR A 296 -24.04 8.38 5.04
CA THR A 296 -24.91 7.24 4.76
C THR A 296 -24.97 6.97 3.27
N ILE A 297 -24.99 5.69 2.92
CA ILE A 297 -24.99 5.23 1.53
C ILE A 297 -26.26 4.43 1.30
N THR A 298 -27.12 4.93 0.41
CA THR A 298 -28.36 4.25 0.04
C THR A 298 -28.17 3.64 -1.35
N TYR A 299 -28.32 2.33 -1.45
CA TYR A 299 -28.27 1.62 -2.73
C TYR A 299 -29.67 1.40 -3.30
N SER A 300 -30.47 2.47 -3.31
CA SER A 300 -31.85 2.41 -3.80
C SER A 300 -31.92 1.81 -5.19
N GLN B 1 24.31 5.24 23.11
CA GLN B 1 23.35 4.18 23.56
C GLN B 1 21.92 4.71 23.59
N VAL B 2 21.28 4.77 22.42
CA VAL B 2 19.90 5.22 22.37
C VAL B 2 19.04 4.27 23.20
N GLN B 3 18.08 4.84 23.93
CA GLN B 3 17.17 4.05 24.74
C GLN B 3 15.75 4.59 24.57
N LEU B 4 14.81 3.70 24.31
CA LEU B 4 13.38 4.03 24.26
C LEU B 4 12.64 3.02 25.13
N GLN B 5 11.82 3.54 26.05
CA GLN B 5 11.13 2.70 27.04
C GLN B 5 9.68 3.14 27.09
N GLU B 6 8.79 2.28 26.61
CA GLU B 6 7.36 2.57 26.63
C GLU B 6 6.75 2.14 27.97
N SER B 7 5.61 2.75 28.27
CA SER B 7 4.86 2.43 29.49
C SER B 7 3.44 2.94 29.31
N GLY B 8 2.58 2.60 30.26
CA GLY B 8 1.21 3.04 30.25
C GLY B 8 0.23 2.11 29.54
N GLY B 9 0.69 1.01 28.99
CA GLY B 9 -0.21 0.06 28.38
C GLY B 9 -0.93 -0.79 29.39
N GLY B 10 -1.84 -1.60 28.89
CA GLY B 10 -2.51 -2.55 29.75
C GLY B 10 -3.88 -2.92 29.22
N LEU B 11 -4.76 -3.30 30.14
CA LEU B 11 -6.08 -3.82 29.85
C LEU B 11 -7.13 -2.73 30.01
N VAL B 12 -7.98 -2.58 29.00
CA VAL B 12 -9.09 -1.64 29.05
C VAL B 12 -10.24 -2.23 28.24
N GLN B 13 -11.42 -1.70 28.42
CA GLN B 13 -12.61 -2.17 27.75
C GLN B 13 -12.89 -1.35 26.50
N PRO B 14 -13.60 -1.91 25.53
CA PRO B 14 -13.87 -1.18 24.29
C PRO B 14 -14.47 0.19 24.58
N GLY B 15 -13.94 1.21 23.91
CA GLY B 15 -14.35 2.57 24.13
C GLY B 15 -13.59 3.30 25.21
N GLY B 16 -12.82 2.60 26.02
CA GLY B 16 -12.04 3.23 27.06
C GLY B 16 -10.89 4.03 26.49
N SER B 17 -10.05 4.51 27.41
CA SER B 17 -8.94 5.39 27.05
C SER B 17 -7.65 4.91 27.71
N LEU B 18 -6.54 5.20 27.03
CA LEU B 18 -5.21 4.93 27.56
C LEU B 18 -4.28 6.06 27.15
N ARG B 19 -3.23 6.26 27.94
CA ARG B 19 -2.19 7.24 27.63
C ARG B 19 -0.85 6.52 27.65
N LEU B 20 -0.27 6.33 26.48
CA LEU B 20 1.03 5.70 26.37
C LEU B 20 2.13 6.74 26.46
N SER B 21 3.21 6.42 27.18
CA SER B 21 4.39 7.26 27.27
C SER B 21 5.60 6.48 26.76
N CYS B 22 6.59 7.23 26.27
CA CYS B 22 7.85 6.65 25.79
C CYS B 22 8.98 7.56 26.23
N ALA B 23 9.83 7.08 27.12
CA ALA B 23 10.97 7.84 27.62
C ALA B 23 12.15 7.62 26.70
N ALA B 24 12.70 8.70 26.17
CA ALA B 24 13.85 8.64 25.26
C ALA B 24 15.10 9.11 25.98
N SER B 25 16.22 8.47 25.67
CA SER B 25 17.51 8.84 26.25
C SER B 25 18.63 8.43 25.30
N GLY B 26 19.75 9.13 25.39
CA GLY B 26 20.91 8.79 24.60
C GLY B 26 21.02 9.48 23.25
N PHE B 27 20.12 10.41 22.95
CA PHE B 27 20.23 11.19 21.73
C PHE B 27 19.46 12.49 21.93
N THR B 28 19.66 13.42 20.99
CA THR B 28 18.99 14.73 21.03
C THR B 28 17.59 14.57 20.47
N PHE B 29 16.67 14.14 21.34
CA PHE B 29 15.26 13.93 21.04
C PHE B 29 14.69 15.03 20.16
N SER B 30 15.13 16.28 20.39
CA SER B 30 14.54 17.42 19.72
C SER B 30 14.74 17.41 18.21
N ASN B 31 15.76 16.73 17.71
CA ASN B 31 16.14 16.82 16.31
C ASN B 31 15.61 15.69 15.45
N TYR B 32 14.65 14.91 15.95
CA TYR B 32 14.17 13.74 15.23
C TYR B 32 12.66 13.68 15.25
N TYR B 33 12.07 13.34 14.10
CA TYR B 33 10.71 12.83 14.08
C TYR B 33 10.63 11.59 14.96
N MET B 34 9.48 11.42 15.61
CA MET B 34 9.20 10.24 16.41
C MET B 34 7.88 9.63 15.94
N SER B 35 7.76 8.32 16.12
CA SER B 35 6.60 7.60 15.60
C SER B 35 6.14 6.53 16.58
N TRP B 36 4.92 6.05 16.35
CA TRP B 36 4.39 4.88 17.03
C TRP B 36 4.08 3.82 15.99
N VAL B 37 4.43 2.57 16.30
CA VAL B 37 4.19 1.42 15.43
C VAL B 37 3.62 0.31 16.29
N ARG B 38 2.57 -0.35 15.79
CA ARG B 38 1.91 -1.39 16.57
C ARG B 38 1.86 -2.71 15.81
N GLN B 39 1.72 -3.79 16.58
CA GLN B 39 1.65 -5.14 16.03
C GLN B 39 0.50 -5.87 16.72
N ALA B 40 -0.58 -6.13 15.99
CA ALA B 40 -1.68 -6.90 16.52
C ALA B 40 -1.32 -8.38 16.57
N PRO B 41 -2.01 -9.16 17.40
CA PRO B 41 -1.72 -10.59 17.48
C PRO B 41 -1.78 -11.26 16.11
N GLY B 42 -0.71 -11.97 15.75
CA GLY B 42 -0.68 -12.73 14.52
C GLY B 42 -0.50 -11.91 13.26
N GLU B 43 -0.23 -10.63 13.37
CA GLU B 43 -0.04 -9.76 12.22
C GLU B 43 1.35 -9.12 12.27
N GLY B 44 1.62 -8.26 11.28
CA GLY B 44 2.89 -7.57 11.23
C GLY B 44 2.84 -6.19 11.85
N ARG B 45 4.03 -5.62 12.06
N ARG B 45 4.04 -5.62 12.05
CA ARG B 45 4.15 -4.30 12.65
CA ARG B 45 4.15 -4.30 12.65
C ARG B 45 3.62 -3.25 11.68
C ARG B 45 3.62 -3.25 11.67
N GLU B 46 2.73 -2.39 12.17
CA GLU B 46 2.00 -1.44 11.33
C GLU B 46 2.13 -0.03 11.89
N TRP B 47 2.51 0.91 11.01
CA TRP B 47 2.68 2.29 11.43
C TRP B 47 1.36 2.87 11.93
N VAL B 48 1.46 3.72 12.97
CA VAL B 48 0.31 4.29 13.64
C VAL B 48 0.29 5.82 13.53
N SER B 49 1.40 6.46 13.85
CA SER B 49 1.44 7.92 13.87
C SER B 49 2.89 8.38 13.89
N SER B 50 3.10 9.62 13.44
CA SER B 50 4.40 10.27 13.49
C SER B 50 4.20 11.72 13.88
N ILE B 51 5.24 12.31 14.44
CA ILE B 51 5.23 13.70 14.90
C ILE B 51 6.56 14.33 14.51
N ASN B 52 6.50 15.56 14.01
CA ASN B 52 7.71 16.25 13.55
C ASN B 52 8.51 16.73 14.77
N ARG B 53 9.57 17.48 14.53
CA ARG B 53 10.56 17.73 15.57
C ARG B 53 9.98 18.56 16.72
N ASP B 54 9.28 19.64 16.40
CA ASP B 54 8.72 20.50 17.43
C ASP B 54 7.24 20.21 17.72
N GLY B 55 6.67 19.18 17.10
CA GLY B 55 5.31 18.77 17.40
C GLY B 55 4.23 19.56 16.70
N SER B 56 4.59 20.43 15.76
CA SER B 56 3.60 21.26 15.09
C SER B 56 2.86 20.53 13.97
N ASN B 57 3.40 19.42 13.48
CA ASN B 57 2.75 18.61 12.44
C ASN B 57 2.64 17.18 12.93
N THR B 58 1.46 16.60 12.80
CA THR B 58 1.22 15.22 13.19
C THR B 58 0.70 14.42 12.00
N TYR B 59 0.93 13.11 12.05
CA TYR B 59 0.55 12.20 10.97
C TYR B 59 -0.06 10.95 11.59
N TYR B 60 -1.17 10.50 11.00
CA TYR B 60 -1.92 9.38 11.56
C TYR B 60 -2.33 8.41 10.46
N ALA B 61 -2.25 7.12 10.76
CA ALA B 61 -2.93 6.13 9.95
C ALA B 61 -4.43 6.40 9.99
N ASP B 62 -5.12 6.16 8.88
CA ASP B 62 -6.53 6.53 8.81
C ASP B 62 -7.40 5.71 9.73
N SER B 63 -6.91 4.57 10.23
CA SER B 63 -7.71 3.77 11.14
C SER B 63 -7.77 4.35 12.55
N VAL B 64 -6.80 5.18 12.92
CA VAL B 64 -6.76 5.80 14.24
C VAL B 64 -7.05 7.28 14.19
N LYS B 65 -7.21 7.87 13.01
CA LYS B 65 -7.45 9.30 12.93
C LYS B 65 -8.76 9.66 13.63
N GLY B 66 -8.72 10.74 14.41
CA GLY B 66 -9.86 11.18 15.18
C GLY B 66 -10.03 10.51 16.51
N ARG B 67 -9.19 9.54 16.85
CA ARG B 67 -9.28 8.80 18.09
C ARG B 67 -7.98 8.83 18.88
N PHE B 68 -6.84 8.81 18.20
CA PHE B 68 -5.54 8.89 18.84
C PHE B 68 -4.92 10.25 18.57
N THR B 69 -4.14 10.75 19.53
CA THR B 69 -3.35 11.96 19.33
C THR B 69 -1.92 11.68 19.78
N ILE B 70 -0.98 11.97 18.90
CA ILE B 70 0.44 11.85 19.20
C ILE B 70 0.93 13.21 19.69
N ALA B 71 1.87 13.18 20.64
CA ALA B 71 2.41 14.40 21.21
C ALA B 71 3.78 14.10 21.79
N ARG B 72 4.56 15.15 22.03
CA ARG B 72 5.92 15.02 22.53
C ARG B 72 6.23 16.14 23.50
N ASP B 73 7.11 15.85 24.44
CA ASP B 73 7.65 16.83 25.39
C ASP B 73 9.15 16.89 25.14
N ASN B 74 9.60 17.95 24.45
CA ASN B 74 11.00 18.03 24.05
C ASN B 74 11.92 18.42 25.21
N VAL B 75 11.36 18.94 26.30
CA VAL B 75 12.19 19.22 27.47
C VAL B 75 12.47 17.94 28.25
N LYS B 76 11.44 17.13 28.47
CA LYS B 76 11.61 15.85 29.17
C LYS B 76 11.98 14.71 28.24
N ASN B 77 12.01 14.93 26.93
CA ASN B 77 12.39 13.90 25.97
C ASN B 77 11.47 12.68 26.07
N THR B 78 10.18 12.94 25.94
CA THR B 78 9.16 11.89 26.06
C THR B 78 8.16 12.01 24.93
N LEU B 79 7.79 10.86 24.38
CA LEU B 79 6.77 10.75 23.35
C LEU B 79 5.51 10.13 23.96
N TYR B 80 4.36 10.54 23.45
CA TYR B 80 3.09 10.08 23.99
C TYR B 80 2.14 9.68 22.86
N LEU B 81 1.24 8.75 23.18
CA LEU B 81 0.12 8.39 22.32
C LEU B 81 -1.12 8.37 23.21
N LEU B 82 -2.01 9.35 23.02
CA LEU B 82 -3.23 9.47 23.80
C LEU B 82 -4.36 8.81 23.03
N MET B 83 -4.86 7.70 23.56
CA MET B 83 -5.81 6.84 22.85
C MET B 83 -7.18 7.00 23.48
N ASP B 84 -8.13 7.51 22.70
CA ASP B 84 -9.54 7.56 23.06
C ASP B 84 -10.32 6.56 22.22
N SER B 85 -11.52 6.22 22.69
CA SER B 85 -12.46 5.40 21.94
C SER B 85 -11.80 4.14 21.39
N LEU B 86 -11.09 3.44 22.28
CA LEU B 86 -10.35 2.26 21.88
C LEU B 86 -11.28 1.15 21.40
N LYS B 87 -10.85 0.43 20.37
CA LYS B 87 -11.60 -0.66 19.79
C LYS B 87 -10.85 -1.97 20.01
N SER B 88 -11.58 -3.08 19.88
CA SER B 88 -10.95 -4.40 19.98
C SER B 88 -9.79 -4.53 19.01
N ASP B 89 -9.96 -4.02 17.78
CA ASP B 89 -8.91 -4.11 16.78
C ASP B 89 -7.75 -3.16 17.04
N ASP B 90 -7.76 -2.40 18.13
CA ASP B 90 -6.60 -1.66 18.57
C ASP B 90 -5.68 -2.51 19.43
N THR B 91 -6.10 -3.71 19.82
CA THR B 91 -5.26 -4.60 20.61
C THR B 91 -3.97 -4.88 19.87
N ALA B 92 -2.84 -4.67 20.56
CA ALA B 92 -1.53 -4.80 19.94
C ALA B 92 -0.43 -4.36 20.89
N VAL B 93 0.81 -4.76 20.59
CA VAL B 93 1.97 -4.16 21.25
C VAL B 93 2.29 -2.86 20.51
N TYR B 94 2.49 -1.78 21.27
CA TYR B 94 2.71 -0.45 20.71
C TYR B 94 4.16 -0.06 20.91
N TYR B 95 4.86 0.22 19.81
CA TYR B 95 6.28 0.48 19.83
C TYR B 95 6.54 1.96 19.59
N CYS B 96 7.38 2.54 20.43
CA CYS B 96 7.97 3.85 20.19
C CYS B 96 9.20 3.68 19.30
N THR B 97 9.29 4.50 18.26
CA THR B 97 10.43 4.43 17.35
C THR B 97 10.99 5.82 17.09
N LYS B 98 12.28 5.85 16.75
CA LYS B 98 13.01 7.08 16.44
C LYS B 98 13.07 7.23 14.93
N GLY B 99 12.58 8.35 14.43
CA GLY B 99 12.58 8.64 13.01
C GLY B 99 11.16 8.70 12.46
N SER B 100 11.10 8.94 11.14
CA SER B 100 9.82 9.10 10.46
C SER B 100 9.51 8.00 9.46
N ASN B 101 10.51 7.22 9.04
CA ASN B 101 10.31 6.19 8.04
C ASN B 101 11.00 4.90 8.46
N TRP B 102 10.53 3.80 7.88
CA TRP B 102 11.18 2.50 8.01
C TRP B 102 12.41 2.45 7.11
N PRO B 103 13.53 1.87 7.58
CA PRO B 103 13.76 1.30 8.90
C PRO B 103 14.05 2.38 9.94
N TYR B 104 13.28 2.41 11.01
CA TYR B 104 13.49 3.41 12.04
C TYR B 104 14.86 3.21 12.71
N ASP B 105 15.44 4.31 13.18
CA ASP B 105 16.78 4.25 13.73
C ASP B 105 16.82 3.42 15.01
N ASN B 106 15.77 3.47 15.82
CA ASN B 106 15.72 2.72 17.06
C ASN B 106 14.27 2.41 17.39
N TRP B 107 14.07 1.29 18.08
CA TRP B 107 12.76 0.87 18.56
C TRP B 107 12.80 0.70 20.08
N GLY B 108 11.68 1.03 20.73
CA GLY B 108 11.49 0.62 22.09
C GLY B 108 11.15 -0.86 22.13
N GLN B 109 10.83 -1.36 23.33
CA GLN B 109 10.41 -2.77 23.40
C GLN B 109 8.91 -2.96 23.26
N GLY B 110 8.13 -1.89 23.41
CA GLY B 110 6.69 -2.05 23.28
C GLY B 110 6.02 -2.29 24.62
N THR B 111 4.79 -1.79 24.73
CA THR B 111 3.94 -2.07 25.88
C THR B 111 2.62 -2.63 25.37
N GLN B 112 2.09 -3.62 26.08
CA GLN B 112 0.90 -4.35 25.62
C GLN B 112 -0.36 -3.53 25.88
N VAL B 113 -1.16 -3.36 24.83
CA VAL B 113 -2.48 -2.75 24.93
C VAL B 113 -3.50 -3.81 24.56
N THR B 114 -4.39 -4.13 25.50
CA THR B 114 -5.42 -5.16 25.34
C THR B 114 -6.77 -4.49 25.54
N VAL B 115 -7.56 -4.40 24.47
CA VAL B 115 -8.89 -3.83 24.53
C VAL B 115 -9.88 -4.98 24.45
N SER B 116 -10.59 -5.24 25.55
CA SER B 116 -11.44 -6.43 25.65
C SER B 116 -12.48 -6.22 26.74
N SER B 117 -13.67 -6.76 26.51
CA SER B 117 -14.73 -6.71 27.49
C SER B 117 -14.77 -7.91 28.42
N HIS B 118 -13.89 -8.90 28.19
CA HIS B 118 -14.00 -10.19 28.86
C HIS B 118 -12.80 -10.54 29.74
N HIS B 119 -11.79 -9.67 29.80
CA HIS B 119 -10.69 -9.86 30.75
C HIS B 119 -11.02 -9.13 32.05
N HIS B 120 -10.18 -9.36 33.06
CA HIS B 120 -10.32 -8.70 34.36
C HIS B 120 -9.14 -9.02 35.26
C1 GOL C . -0.16 0.36 -0.10
O1 GOL C . 1.13 0.91 -0.30
C2 GOL C . -0.58 -0.28 -1.44
O2 GOL C . -0.64 -1.68 -1.34
C3 GOL C . -1.95 0.32 -1.76
O3 GOL C . -1.74 1.30 -2.75
H11 GOL C . -0.82 1.04 0.15
H12 GOL C . -0.18 -0.30 0.61
HO1 GOL C . 1.49 0.99 0.46
H2 GOL C . 0.07 -0.08 -2.13
HO2 GOL C . -0.89 -1.98 -2.09
H31 GOL C . -2.34 0.68 -0.95
H32 GOL C . -2.55 -0.37 -2.05
HO3 GOL C . -2.21 1.11 -3.42
S SO4 D . -1.97 -6.36 -20.26
O1 SO4 D . -2.44 -7.03 -19.04
O2 SO4 D . -2.10 -4.91 -20.09
O3 SO4 D . -2.79 -6.79 -21.38
O4 SO4 D . -0.59 -6.71 -20.49
C1 GOL E . -6.64 -6.12 -4.14
O1 GOL E . -7.53 -6.24 -5.21
C2 GOL E . -5.30 -5.61 -4.71
O2 GOL E . -5.06 -4.29 -4.36
C3 GOL E . -4.25 -6.57 -4.13
O3 GOL E . -2.99 -5.97 -4.35
H11 GOL E . -6.48 -6.98 -3.69
H12 GOL E . -6.95 -5.51 -3.45
HO1 GOL E . -7.75 -5.45 -5.44
H2 GOL E . -5.31 -5.62 -5.68
HO2 GOL E . -4.25 -4.22 -4.13
H31 GOL E . -4.34 -7.43 -4.57
H32 GOL E . -4.44 -6.73 -3.19
HO3 GOL E . -2.52 -6.12 -3.67
C1 GOL F . -7.33 1.37 1.70
O1 GOL F . -7.95 2.44 1.05
C2 GOL F . -6.54 0.60 0.64
O2 GOL F . -5.63 1.40 -0.04
C3 GOL F . -5.86 -0.54 1.40
O3 GOL F . -4.54 -0.60 0.93
H11 GOL F . -7.96 0.77 2.13
H12 GOL F . -6.72 1.67 2.40
H2 GOL F . -7.14 0.25 -0.05
HO2 GOL F . -5.47 2.08 0.46
H31 GOL F . -6.36 -1.36 1.26
H32 GOL F . -5.93 -0.36 2.35
HO3 GOL F . -4.59 -0.77 0.10
S SO4 G . 22.31 13.58 18.22
O1 SO4 G . 22.98 14.33 19.28
O2 SO4 G . 21.88 14.51 17.17
O3 SO4 G . 21.15 12.89 18.77
O4 SO4 G . 23.24 12.61 17.66
#